data_6XIC
#
_entry.id   6XIC
#
_cell.length_a   70.992
_cell.length_b   70.992
_cell.length_c   152.723
_cell.angle_alpha   90
_cell.angle_beta   90
_cell.angle_gamma   120
#
_symmetry.space_group_name_H-M   'P 32 2 1'
#
loop_
_entity.id
_entity.type
_entity.pdbx_description
1 polymer 'Proprotein convertase subtilisin/kexin type 9'
2 polymer 'Proprotein convertase subtilisin/kexin type 9'
3 polymer 'Peptide 40'
4 non-polymer GLYCEROL
5 water water
#
loop_
_entity_poly.entity_id
_entity_poly.type
_entity_poly.pdbx_seq_one_letter_code
_entity_poly.pdbx_strand_id
1 'polypeptide(L)'
;EDEDGDYEELVLALRSEEDGLAEAPEHGTTATFHRCAKDPWRLPGTYVVVLKEETHLSQSERTARRLQAQAARRGYLTKI
LHVFHGLLPGFLVKMSGDLLELALKLPHVDYIEEDSSVFAQ
;
A
2 'polypeptide(L)'
;SIPWNLERITPPRYRADEYQPPDGGSLVEVYLLDTSIQSDHREIEGRVMVTDFENVPEEDGTRFHRQASKCDSHGTHLAG
VVSGRDAGVAKGASMRSLRVLNCQGKGTVSGTLIGLEFIRKSQLVQPVGPLVVLLPLAGGYSRVLNAACQRLARAGVVLV
TAAGNFRDDACLYSPASAPEVITVGATNAQDQPVTLGTLGTNFGRCVDLFAPGEDIIGASSDCSTCFVSQSGTSQAAAHV
AGIAAMMLSAEPELTLAELRQRLIHFSAKDVINEAWFPEDQRVLTPNLVAALPPSTHGAGNSHHHHHH
;
B
3 'polypeptide(L)' (Z9J)K(DAL)(FTR)(FTR)DHY(3WX) I
#
loop_
_chem_comp.id
_chem_comp.type
_chem_comp.name
_chem_comp.formula
3WX peptide-like 2-methyl-L-proline 'C6 H11 N O2'
GOL non-polymer GLYCEROL 'C3 H8 O3'
#
# COMPACT_ATOMS: atom_id res chain seq x y z
N THR A 30 1.84 -30.16 -9.18
CA THR A 30 0.81 -29.30 -8.63
C THR A 30 1.06 -27.79 -8.87
N ALA A 31 2.02 -27.42 -9.74
CA ALA A 31 2.29 -26.00 -10.01
C ALA A 31 1.13 -25.45 -10.86
N THR A 32 0.60 -24.28 -10.47
CA THR A 32 -0.57 -23.71 -11.14
C THR A 32 -0.31 -22.33 -11.70
N PHE A 33 -1.14 -21.91 -12.67
CA PHE A 33 -1.05 -20.60 -13.30
C PHE A 33 -2.25 -19.74 -12.88
N HIS A 34 -1.99 -18.45 -12.64
CA HIS A 34 -3.01 -17.52 -12.21
C HIS A 34 -2.90 -16.22 -12.97
N ARG A 35 -4.06 -15.63 -13.34
CA ARG A 35 -4.03 -14.32 -13.99
C ARG A 35 -5.19 -13.50 -13.45
N CYS A 36 -5.05 -12.17 -13.48
CA CYS A 36 -6.08 -11.28 -12.93
C CYS A 36 -7.48 -11.53 -13.51
N ALA A 37 -8.48 -11.61 -12.63
CA ALA A 37 -9.88 -11.80 -13.02
C ALA A 37 -10.43 -10.53 -13.68
N LYS A 38 -9.84 -9.35 -13.41
CA LYS A 38 -10.32 -8.11 -14.03
C LYS A 38 -9.50 -7.99 -15.28
N ASP A 39 -10.05 -8.48 -16.38
CA ASP A 39 -9.33 -8.60 -17.63
C ASP A 39 -8.64 -7.28 -18.10
N PRO A 40 -9.26 -6.09 -17.99
CA PRO A 40 -8.53 -4.85 -18.41
C PRO A 40 -7.29 -4.50 -17.56
N TRP A 41 -7.18 -5.11 -16.38
CA TRP A 41 -6.02 -4.87 -15.51
C TRP A 41 -4.88 -5.84 -15.72
N ARG A 42 -5.07 -6.85 -16.56
CA ARG A 42 -3.99 -7.80 -16.85
C ARG A 42 -2.86 -7.11 -17.60
N LEU A 43 -1.63 -7.63 -17.45
CA LEU A 43 -0.46 -7.15 -18.18
C LEU A 43 0.23 -8.36 -18.82
N PRO A 44 -0.39 -8.93 -19.87
CA PRO A 44 0.21 -10.13 -20.51
C PRO A 44 1.64 -9.94 -20.98
N GLY A 45 2.41 -11.02 -21.00
CA GLY A 45 3.80 -10.96 -21.48
C GLY A 45 4.86 -10.88 -20.41
N THR A 46 4.45 -10.63 -19.16
CA THR A 46 5.40 -10.60 -18.03
C THR A 46 4.81 -11.48 -16.94
N TYR A 47 5.61 -12.39 -16.39
CA TYR A 47 5.15 -13.37 -15.41
C TYR A 47 6.05 -13.44 -14.18
N VAL A 48 5.42 -13.63 -13.03
CA VAL A 48 6.14 -13.83 -11.77
C VAL A 48 6.16 -15.33 -11.52
N VAL A 49 7.35 -15.94 -11.57
CA VAL A 49 7.50 -17.36 -11.30
C VAL A 49 7.88 -17.47 -9.85
N VAL A 50 6.99 -18.06 -9.04
CA VAL A 50 7.18 -18.19 -7.61
C VAL A 50 7.64 -19.58 -7.29
N LEU A 51 8.78 -19.70 -6.60
CA LEU A 51 9.31 -21.00 -6.25
C LEU A 51 8.87 -21.40 -4.83
N LYS A 52 9.05 -22.68 -4.49
CA LYS A 52 8.66 -23.19 -3.16
C LYS A 52 9.45 -22.46 -2.08
N GLU A 53 8.78 -22.21 -0.95
CA GLU A 53 9.20 -21.42 0.20
C GLU A 53 10.71 -21.40 0.53
N GLU A 54 11.33 -22.56 0.68
CA GLU A 54 12.74 -22.60 1.11
C GLU A 54 13.75 -22.65 -0.01
N THR A 55 13.35 -22.35 -1.26
CA THR A 55 14.28 -22.36 -2.38
C THR A 55 15.33 -21.29 -2.19
N HIS A 56 16.60 -21.68 -2.33
CA HIS A 56 17.69 -20.76 -2.17
C HIS A 56 17.91 -19.91 -3.43
N LEU A 57 18.49 -18.72 -3.27
CA LEU A 57 18.81 -17.83 -4.38
C LEU A 57 19.59 -18.51 -5.51
N SER A 58 20.59 -19.35 -5.18
CA SER A 58 21.35 -20.04 -6.22
C SER A 58 20.47 -20.94 -7.05
N GLN A 59 19.51 -21.60 -6.42
CA GLN A 59 18.57 -22.50 -7.10
C GLN A 59 17.61 -21.64 -7.96
N SER A 60 17.14 -20.48 -7.43
CA SER A 60 16.28 -19.60 -8.24
C SER A 60 16.99 -19.13 -9.50
N GLU A 61 18.27 -18.71 -9.39
CA GLU A 61 19.01 -18.25 -10.57
C GLU A 61 19.17 -19.40 -11.59
N ARG A 62 19.49 -20.60 -11.12
CA ARG A 62 19.66 -21.75 -12.02
C ARG A 62 18.34 -22.09 -12.73
N THR A 63 17.22 -22.01 -12.01
CA THR A 63 15.92 -22.30 -12.60
C THR A 63 15.57 -21.28 -13.68
N ALA A 64 15.89 -19.99 -13.43
CA ALA A 64 15.66 -18.95 -14.44
C ALA A 64 16.50 -19.24 -15.69
N ARG A 65 17.78 -19.63 -15.49
CA ARG A 65 18.65 -19.91 -16.63
C ARG A 65 18.17 -21.18 -17.39
N ARG A 66 17.61 -22.17 -16.67
CA ARG A 66 17.10 -23.38 -17.30
C ARG A 66 15.87 -23.02 -18.15
N LEU A 67 15.01 -22.13 -17.64
CA LEU A 67 13.85 -21.67 -18.42
C LEU A 67 14.30 -20.99 -19.71
N GLN A 68 15.32 -20.13 -19.62
CA GLN A 68 15.80 -19.45 -20.83
C GLN A 68 16.32 -20.44 -21.87
N ALA A 69 17.07 -21.46 -21.39
CA ALA A 69 17.63 -22.44 -22.30
C ALA A 69 16.53 -23.30 -22.93
N GLN A 70 15.57 -23.79 -22.13
CA GLN A 70 14.48 -24.59 -22.69
C GLN A 70 13.63 -23.76 -23.68
N ALA A 71 13.40 -22.49 -23.35
CA ALA A 71 12.62 -21.62 -24.23
C ALA A 71 13.35 -21.41 -25.55
N ALA A 72 14.68 -21.24 -25.49
CA ALA A 72 15.47 -21.02 -26.71
C ALA A 72 15.47 -22.25 -27.61
N ARG A 73 15.46 -23.46 -27.02
CA ARG A 73 15.39 -24.69 -27.84
C ARG A 73 14.08 -24.77 -28.63
N ARG A 74 13.04 -24.07 -28.16
CA ARG A 74 11.77 -23.98 -28.86
C ARG A 74 11.62 -22.74 -29.76
N GLY A 75 12.68 -21.93 -29.83
CA GLY A 75 12.73 -20.73 -30.68
C GLY A 75 12.24 -19.45 -30.04
N TYR A 76 12.09 -19.44 -28.69
CA TYR A 76 11.57 -18.27 -28.01
C TYR A 76 12.62 -17.48 -27.24
N LEU A 77 12.56 -16.15 -27.32
CA LEU A 77 13.42 -15.27 -26.53
C LEU A 77 12.77 -15.09 -25.17
N THR A 78 13.57 -14.90 -24.14
CA THR A 78 13.10 -14.62 -22.81
C THR A 78 14.04 -13.57 -22.20
N LYS A 79 13.53 -12.82 -21.22
CA LYS A 79 14.37 -11.88 -20.51
C LYS A 79 14.06 -12.01 -19.03
N ILE A 80 15.08 -12.25 -18.19
CA ILE A 80 14.88 -12.33 -16.75
C ILE A 80 15.04 -10.93 -16.18
N LEU A 81 13.93 -10.28 -15.85
CA LEU A 81 13.95 -8.90 -15.37
C LEU A 81 14.43 -8.74 -13.93
N HIS A 82 14.18 -9.73 -13.10
CA HIS A 82 14.55 -9.66 -11.69
C HIS A 82 14.55 -11.04 -11.08
N VAL A 83 15.47 -11.31 -10.15
CA VAL A 83 15.48 -12.53 -9.39
C VAL A 83 15.18 -12.18 -7.96
N PHE A 84 14.12 -12.75 -7.41
CA PHE A 84 13.63 -12.49 -6.06
C PHE A 84 14.28 -13.34 -4.98
N HIS A 85 14.56 -12.72 -3.85
CA HIS A 85 15.04 -13.41 -2.66
C HIS A 85 14.81 -12.51 -1.43
N GLY A 86 14.44 -13.09 -0.30
CA GLY A 86 14.20 -12.33 0.92
C GLY A 86 12.81 -12.54 1.50
N LEU A 87 11.78 -12.52 0.64
CA LEU A 87 10.40 -12.78 1.09
C LEU A 87 9.95 -14.02 0.31
N LEU A 88 9.96 -13.90 -1.02
CA LEU A 88 9.51 -14.95 -1.90
C LEU A 88 10.62 -15.27 -2.84
N PRO A 89 10.96 -16.56 -2.97
CA PRO A 89 11.96 -16.93 -3.96
C PRO A 89 11.29 -17.05 -5.33
N GLY A 90 12.01 -16.66 -6.36
CA GLY A 90 11.50 -16.73 -7.72
C GLY A 90 12.14 -15.71 -8.60
N PHE A 91 11.43 -15.38 -9.70
CA PHE A 91 11.95 -14.42 -10.64
C PHE A 91 10.84 -13.82 -11.49
N LEU A 92 11.14 -12.72 -12.14
CA LEU A 92 10.21 -12.02 -13.02
C LEU A 92 10.71 -12.20 -14.42
N VAL A 93 9.88 -12.73 -15.33
CA VAL A 93 10.34 -13.00 -16.69
C VAL A 93 9.43 -12.39 -17.74
N LYS A 94 10.01 -11.77 -18.77
CA LYS A 94 9.30 -11.25 -19.93
C LYS A 94 9.41 -12.34 -20.99
N MET A 95 8.26 -12.96 -21.34
CA MET A 95 8.25 -14.06 -22.30
C MET A 95 6.83 -14.27 -22.82
N SER A 96 6.72 -15.02 -23.91
CA SER A 96 5.42 -15.40 -24.44
C SER A 96 4.73 -16.34 -23.43
N GLY A 97 3.44 -16.14 -23.25
CA GLY A 97 2.65 -17.05 -22.42
C GLY A 97 2.58 -18.45 -23.01
N ASP A 98 2.96 -18.62 -24.30
CA ASP A 98 3.06 -19.96 -24.89
C ASP A 98 4.00 -20.88 -24.08
N LEU A 99 4.98 -20.28 -23.37
CA LEU A 99 5.94 -21.06 -22.59
C LEU A 99 5.44 -21.46 -21.20
N LEU A 100 4.19 -21.11 -20.84
CA LEU A 100 3.70 -21.41 -19.48
C LEU A 100 3.59 -22.89 -19.13
N GLU A 101 3.13 -23.77 -20.06
CA GLU A 101 3.08 -25.21 -19.71
C GLU A 101 4.51 -25.72 -19.41
N LEU A 102 5.49 -25.26 -20.19
CA LEU A 102 6.89 -25.66 -20.00
C LEU A 102 7.40 -25.12 -18.66
N ALA A 103 7.12 -23.85 -18.38
CA ALA A 103 7.64 -23.21 -17.18
C ALA A 103 7.08 -23.85 -15.91
N LEU A 104 5.82 -24.30 -15.94
CA LEU A 104 5.22 -24.94 -14.76
C LEU A 104 5.87 -26.28 -14.40
N LYS A 105 6.63 -26.87 -15.34
CA LYS A 105 7.34 -28.14 -15.09
C LYS A 105 8.78 -27.93 -14.58
N LEU A 106 9.24 -26.68 -14.45
CA LEU A 106 10.59 -26.42 -13.96
C LEU A 106 10.77 -26.87 -12.53
N PRO A 107 12.01 -27.20 -12.13
CA PRO A 107 12.24 -27.57 -10.73
C PRO A 107 11.87 -26.44 -9.79
N HIS A 108 11.35 -26.79 -8.61
CA HIS A 108 11.05 -25.86 -7.53
C HIS A 108 9.84 -24.97 -7.74
N VAL A 109 9.17 -25.02 -8.92
CA VAL A 109 8.05 -24.08 -9.15
C VAL A 109 6.86 -24.37 -8.23
N ASP A 110 6.31 -23.31 -7.60
CA ASP A 110 5.12 -23.41 -6.76
C ASP A 110 3.92 -22.93 -7.62
N TYR A 111 4.05 -21.75 -8.22
CA TYR A 111 3.00 -21.23 -9.11
C TYR A 111 3.54 -20.09 -9.96
N ILE A 112 2.80 -19.69 -10.98
CA ILE A 112 3.17 -18.60 -11.88
C ILE A 112 2.01 -17.67 -12.01
N GLU A 113 2.25 -16.36 -11.83
CA GLU A 113 1.18 -15.37 -11.96
C GLU A 113 1.51 -14.37 -13.06
N GLU A 114 0.53 -14.07 -13.92
CA GLU A 114 0.73 -13.04 -14.94
C GLU A 114 0.72 -11.68 -14.23
N ASP A 115 1.59 -10.74 -14.66
CA ASP A 115 1.62 -9.42 -14.00
C ASP A 115 0.28 -8.70 -14.23
N SER A 116 -0.02 -7.74 -13.36
CA SER A 116 -1.27 -6.99 -13.47
C SER A 116 -1.10 -5.62 -12.82
N SER A 117 -2.05 -4.73 -13.06
CA SER A 117 -1.99 -3.36 -12.58
C SER A 117 -2.45 -3.17 -11.15
N VAL A 118 -1.85 -2.15 -10.49
CA VAL A 118 -2.29 -1.62 -9.21
C VAL A 118 -2.52 -0.11 -9.38
N PHE A 119 -3.44 0.44 -8.60
CA PHE A 119 -3.84 1.83 -8.75
C PHE A 119 -3.83 2.57 -7.42
N ALA A 120 -3.42 3.86 -7.44
CA ALA A 120 -3.50 4.75 -6.28
C ALA A 120 -4.97 4.81 -5.79
N GLN A 121 -5.20 4.72 -4.49
CA GLN A 121 -6.55 4.81 -3.94
C GLN A 121 -6.77 6.16 -3.21
N SER B 1 -10.70 25.35 13.93
CA SER B 1 -9.42 25.47 14.62
C SER B 1 -8.49 24.27 14.36
N ILE B 2 -9.05 23.12 13.97
CA ILE B 2 -8.27 21.90 13.73
C ILE B 2 -8.95 21.12 12.60
N PRO B 3 -8.18 20.44 11.70
CA PRO B 3 -8.84 19.61 10.67
C PRO B 3 -9.76 18.58 11.31
N TRP B 4 -10.96 18.39 10.76
CA TRP B 4 -12.00 17.52 11.32
C TRP B 4 -11.49 16.12 11.67
N ASN B 5 -10.63 15.60 10.80
CA ASN B 5 -10.08 14.25 10.92
C ASN B 5 -9.13 14.09 12.08
N LEU B 6 -8.34 15.13 12.40
CA LEU B 6 -7.45 15.07 13.56
C LEU B 6 -8.27 15.18 14.86
N GLU B 7 -9.38 15.93 14.84
CA GLU B 7 -10.26 16.02 15.97
C GLU B 7 -10.97 14.65 16.15
N ARG B 8 -11.38 14.01 15.04
CA ARG B 8 -12.09 12.73 15.08
C ARG B 8 -11.27 11.60 15.69
N ILE B 9 -9.95 11.55 15.40
CA ILE B 9 -9.11 10.50 15.98
C ILE B 9 -8.65 10.83 17.42
N THR B 10 -8.99 12.02 17.94
CA THR B 10 -8.63 12.38 19.30
C THR B 10 -9.74 11.91 20.21
N PRO B 11 -9.42 11.13 21.26
CA PRO B 11 -10.49 10.69 22.19
C PRO B 11 -11.24 11.86 22.82
N PRO B 12 -12.57 11.76 22.96
CA PRO B 12 -13.33 12.87 23.55
C PRO B 12 -13.33 12.82 25.08
N GLU B 18 -7.32 22.11 19.24
CA GLU B 18 -6.04 21.91 18.57
C GLU B 18 -5.53 20.47 18.70
N TYR B 19 -4.70 20.02 17.75
CA TYR B 19 -4.15 18.66 17.78
C TYR B 19 -2.90 18.68 18.65
N GLN B 20 -2.95 17.95 19.78
CA GLN B 20 -1.91 17.98 20.79
C GLN B 20 -0.59 17.21 20.47
N PRO B 21 -0.53 15.86 20.26
CA PRO B 21 0.78 15.19 20.12
C PRO B 21 1.80 15.86 19.21
N PRO B 22 2.90 16.38 19.80
CA PRO B 22 3.88 17.13 18.99
C PRO B 22 5.00 16.32 18.32
N ASP B 23 5.32 15.13 18.85
CA ASP B 23 6.41 14.32 18.30
C ASP B 23 6.05 12.83 18.36
N GLY B 24 4.78 12.53 18.12
CA GLY B 24 4.32 11.14 18.19
C GLY B 24 4.90 10.22 17.14
N GLY B 25 5.17 8.99 17.55
CA GLY B 25 5.64 7.94 16.65
C GLY B 25 7.13 7.96 16.34
N SER B 26 7.94 8.66 17.16
CA SER B 26 9.37 8.83 16.82
C SER B 26 10.24 7.55 16.78
N LEU B 27 9.83 6.46 17.45
CA LEU B 27 10.63 5.22 17.38
C LEU B 27 10.35 4.43 16.09
N VAL B 28 9.33 4.80 15.32
CA VAL B 28 8.91 4.02 14.17
C VAL B 28 9.34 4.64 12.85
N GLU B 29 9.61 3.77 11.88
CA GLU B 29 9.91 4.20 10.53
C GLU B 29 8.73 3.73 9.66
N VAL B 30 8.12 4.65 8.89
CA VAL B 30 7.01 4.29 8.02
C VAL B 30 7.50 4.29 6.57
N TYR B 31 7.40 3.16 5.86
CA TYR B 31 7.75 3.08 4.45
C TYR B 31 6.48 3.36 3.66
N LEU B 32 6.60 4.15 2.60
CA LEU B 32 5.47 4.52 1.76
C LEU B 32 5.75 4.04 0.33
N LEU B 33 4.88 3.16 -0.21
CA LEU B 33 5.01 2.69 -1.60
C LEU B 33 3.96 3.46 -2.34
N ASP B 34 4.36 4.45 -3.13
CA ASP B 34 3.38 5.34 -3.73
C ASP B 34 4.00 6.04 -4.97
N THR B 35 3.44 7.19 -5.36
CA THR B 35 3.99 8.00 -6.44
C THR B 35 5.31 8.67 -5.94
N SER B 36 5.91 9.49 -6.80
CA SER B 36 7.02 10.33 -6.37
C SER B 36 6.49 11.35 -5.35
N ILE B 37 7.40 11.89 -4.52
CA ILE B 37 6.95 12.88 -3.52
C ILE B 37 7.76 14.17 -3.65
N GLN B 38 7.14 15.28 -3.26
CA GLN B 38 7.85 16.56 -3.28
C GLN B 38 8.55 16.65 -1.93
N SER B 39 9.77 16.10 -1.85
CA SER B 39 10.47 15.98 -0.59
C SER B 39 10.90 17.29 0.03
N ASP B 40 10.87 18.41 -0.73
CA ASP B 40 11.23 19.70 -0.13
C ASP B 40 9.97 20.52 0.27
N HIS B 41 8.77 19.93 0.23
CA HIS B 41 7.54 20.61 0.69
C HIS B 41 7.71 20.86 2.20
N ARG B 42 7.46 22.09 2.68
CA ARG B 42 7.69 22.43 4.08
C ARG B 42 7.01 21.52 5.08
N GLU B 43 5.89 20.91 4.70
CA GLU B 43 5.14 20.04 5.59
C GLU B 43 5.90 18.74 5.91
N ILE B 44 6.68 18.24 4.95
CA ILE B 44 7.39 16.95 5.09
C ILE B 44 8.89 17.00 4.90
N GLU B 45 9.47 18.17 4.61
CA GLU B 45 10.92 18.28 4.39
C GLU B 45 11.69 17.79 5.62
N GLY B 46 12.71 16.97 5.41
CA GLY B 46 13.50 16.43 6.49
C GLY B 46 12.90 15.21 7.17
N ARG B 47 11.56 15.03 7.05
CA ARG B 47 10.84 13.91 7.67
C ARG B 47 10.75 12.71 6.74
N VAL B 48 10.85 12.93 5.44
CA VAL B 48 10.77 11.87 4.46
C VAL B 48 12.10 11.74 3.74
N MET B 49 12.64 10.55 3.72
CA MET B 49 13.88 10.25 3.00
C MET B 49 13.48 9.50 1.74
N VAL B 50 13.83 10.04 0.58
CA VAL B 50 13.52 9.42 -0.69
C VAL B 50 14.56 8.38 -0.99
N THR B 51 14.14 7.11 -1.04
CA THR B 51 15.07 6.03 -1.38
C THR B 51 15.38 6.09 -2.90
N ASP B 52 16.39 5.32 -3.34
CA ASP B 52 16.69 5.25 -4.77
C ASP B 52 15.70 4.32 -5.54
N PHE B 53 14.71 3.76 -4.85
CA PHE B 53 13.80 2.80 -5.46
C PHE B 53 12.78 3.39 -6.38
N GLU B 54 12.72 2.86 -7.61
CA GLU B 54 11.72 3.25 -8.57
C GLU B 54 11.44 2.05 -9.48
N ASN B 55 10.17 1.65 -9.60
CA ASN B 55 9.79 0.59 -10.53
C ASN B 55 8.37 0.90 -10.92
N VAL B 56 8.20 1.57 -12.06
CA VAL B 56 6.89 2.03 -12.51
C VAL B 56 6.66 1.74 -13.99
N PRO B 57 5.39 1.51 -14.36
CA PRO B 57 5.09 1.33 -15.78
C PRO B 57 5.04 2.68 -16.50
N GLU B 58 5.16 2.67 -17.83
CA GLU B 58 5.09 3.90 -18.62
C GLU B 58 3.66 4.45 -18.60
N GLU B 59 3.52 5.79 -18.61
CA GLU B 59 2.19 6.41 -18.62
C GLU B 59 1.44 6.10 -19.92
N ASP B 60 0.11 6.07 -19.86
CA ASP B 60 -0.73 5.83 -21.02
C ASP B 60 -0.91 7.15 -21.78
N GLY B 61 -0.79 7.08 -23.11
CA GLY B 61 -0.87 8.23 -23.99
C GLY B 61 0.54 8.64 -24.38
N THR B 62 0.87 8.59 -25.69
CA THR B 62 2.21 8.93 -26.17
C THR B 62 2.65 10.38 -25.92
N ARG B 63 1.71 11.31 -25.71
CA ARG B 63 2.11 12.70 -25.47
C ARG B 63 1.93 13.14 -24.00
N PHE B 64 2.22 12.25 -23.03
CA PHE B 64 2.09 12.60 -21.61
C PHE B 64 3.18 13.61 -21.15
N HIS B 65 2.77 14.65 -20.40
CA HIS B 65 3.71 15.64 -19.85
C HIS B 65 3.99 15.37 -18.39
N ARG B 66 5.24 15.03 -18.06
CA ARG B 66 5.60 14.67 -16.70
C ARG B 66 5.90 15.88 -15.82
N GLN B 67 4.86 16.59 -15.41
CA GLN B 67 5.00 17.76 -14.54
C GLN B 67 5.16 17.28 -13.09
N ALA B 68 6.21 17.74 -12.39
CA ALA B 68 6.45 17.29 -11.03
C ALA B 68 5.29 17.54 -10.07
N SER B 69 4.61 18.70 -10.14
CA SER B 69 3.48 18.98 -9.27
C SER B 69 2.37 17.94 -9.42
N LYS B 70 2.12 17.49 -10.65
CA LYS B 70 1.09 16.47 -10.88
C LYS B 70 1.58 15.08 -10.47
N CYS B 71 2.79 14.69 -10.89
CA CYS B 71 3.36 13.38 -10.59
C CYS B 71 3.43 13.12 -9.08
N ASP B 72 3.71 14.15 -8.30
CA ASP B 72 3.93 14.01 -6.85
C ASP B 72 2.69 14.19 -5.98
N SER B 73 1.54 14.52 -6.56
CA SER B 73 0.35 14.86 -5.79
CA SER B 73 0.37 14.87 -5.78
C SER B 73 -0.08 13.81 -4.75
N HIS B 74 -0.27 12.56 -5.16
CA HIS B 74 -0.79 11.55 -4.27
C HIS B 74 0.13 11.28 -3.08
N GLY B 75 1.37 10.96 -3.38
CA GLY B 75 2.36 10.58 -2.39
C GLY B 75 2.67 11.70 -1.41
N THR B 76 2.76 12.94 -1.92
CA THR B 76 3.05 14.09 -1.05
C THR B 76 1.94 14.29 -0.01
N HIS B 77 0.67 14.16 -0.44
CA HIS B 77 -0.46 14.35 0.46
C HIS B 77 -0.44 13.27 1.53
N LEU B 78 -0.21 12.00 1.12
CA LEU B 78 -0.17 10.91 2.10
C LEU B 78 0.96 10.98 3.10
N ALA B 79 2.13 11.41 2.64
CA ALA B 79 3.27 11.60 3.56
C ALA B 79 2.93 12.68 4.62
N GLY B 80 2.19 13.70 4.19
CA GLY B 80 1.73 14.76 5.06
C GLY B 80 0.75 14.24 6.09
N VAL B 81 -0.20 13.40 5.66
CA VAL B 81 -1.19 12.83 6.58
C VAL B 81 -0.49 12.02 7.68
N VAL B 82 0.53 11.25 7.29
CA VAL B 82 1.24 10.44 8.29
C VAL B 82 2.08 11.28 9.26
N SER B 83 2.94 12.15 8.74
CA SER B 83 3.94 12.80 9.57
C SER B 83 4.08 14.30 9.45
N GLY B 84 3.20 14.94 8.71
CA GLY B 84 3.28 16.37 8.44
C GLY B 84 3.43 17.27 9.66
N ARG B 85 4.31 18.28 9.53
CA ARG B 85 4.59 19.30 10.54
C ARG B 85 3.34 19.89 11.17
N ASP B 86 2.39 20.32 10.33
CA ASP B 86 1.15 20.97 10.77
C ASP B 86 -0.10 20.11 10.81
N ALA B 87 -0.26 19.21 9.82
CA ALA B 87 -1.49 18.46 9.69
C ALA B 87 -1.33 16.92 9.76
N GLY B 88 -0.20 16.46 10.27
CA GLY B 88 0.08 15.04 10.36
C GLY B 88 -0.39 14.39 11.65
N VAL B 89 -0.57 13.08 11.59
CA VAL B 89 -0.98 12.32 12.75
C VAL B 89 0.18 12.05 13.70
N ALA B 90 1.29 11.52 13.18
CA ALA B 90 2.45 11.12 13.97
C ALA B 90 3.62 12.02 13.57
N LYS B 91 3.70 13.20 14.20
CA LYS B 91 4.65 14.21 13.80
C LYS B 91 6.13 13.91 14.06
N GLY B 92 6.42 12.85 14.79
CA GLY B 92 7.80 12.45 15.04
C GLY B 92 8.25 11.25 14.23
N ALA B 93 7.33 10.63 13.45
CA ALA B 93 7.71 9.45 12.67
C ALA B 93 8.53 9.79 11.46
N SER B 94 9.61 9.04 11.24
CA SER B 94 10.42 9.19 10.05
C SER B 94 9.75 8.35 8.94
N MET B 95 9.86 8.83 7.70
CA MET B 95 9.30 8.11 6.57
C MET B 95 10.37 7.85 5.52
N ARG B 96 10.21 6.76 4.78
CA ARG B 96 11.07 6.42 3.66
C ARG B 96 10.15 6.12 2.50
N SER B 97 10.36 6.78 1.35
CA SER B 97 9.48 6.59 0.22
C SER B 97 10.09 5.78 -0.90
N LEU B 98 9.27 4.92 -1.50
CA LEU B 98 9.62 4.09 -2.65
C LEU B 98 8.62 4.43 -3.75
N ARG B 99 9.11 4.59 -4.98
CA ARG B 99 8.19 4.94 -6.07
C ARG B 99 7.73 3.71 -6.83
N VAL B 100 6.47 3.31 -6.64
CA VAL B 100 5.90 2.18 -7.38
C VAL B 100 4.67 2.62 -8.21
N LEU B 101 4.25 3.89 -8.10
CA LEU B 101 3.13 4.40 -8.92
C LEU B 101 3.65 5.50 -9.83
N ASN B 102 3.22 5.45 -11.10
CA ASN B 102 3.67 6.44 -12.08
C ASN B 102 2.89 7.78 -11.94
N CYS B 103 3.06 8.71 -12.90
CA CYS B 103 2.42 10.03 -12.78
C CYS B 103 0.92 9.97 -12.81
N GLN B 104 0.34 8.90 -13.40
CA GLN B 104 -1.10 8.69 -13.43
C GLN B 104 -1.60 7.81 -12.27
N GLY B 105 -0.73 7.49 -11.31
CA GLY B 105 -1.09 6.69 -10.16
C GLY B 105 -1.19 5.20 -10.44
N LYS B 106 -0.59 4.74 -11.53
CA LYS B 106 -0.63 3.32 -11.91
C LYS B 106 0.73 2.65 -11.65
N GLY B 107 0.65 1.43 -11.13
CA GLY B 107 1.82 0.61 -10.88
C GLY B 107 1.58 -0.81 -11.34
N THR B 108 2.51 -1.73 -11.00
CA THR B 108 2.32 -3.13 -11.33
C THR B 108 2.45 -3.97 -10.07
N VAL B 109 1.87 -5.19 -10.10
CA VAL B 109 2.07 -6.11 -8.98
C VAL B 109 3.57 -6.45 -8.88
N SER B 110 4.25 -6.66 -10.01
CA SER B 110 5.69 -6.98 -9.96
C SER B 110 6.53 -5.86 -9.35
N GLY B 111 6.24 -4.60 -9.69
CA GLY B 111 6.96 -3.48 -9.10
C GLY B 111 6.73 -3.38 -7.61
N THR B 112 5.48 -3.65 -7.17
CA THR B 112 5.14 -3.63 -5.75
C THR B 112 5.89 -4.75 -5.01
N LEU B 113 5.98 -5.94 -5.63
CA LEU B 113 6.73 -7.07 -5.04
C LEU B 113 8.19 -6.69 -4.86
N ILE B 114 8.80 -6.12 -5.91
CA ILE B 114 10.21 -5.73 -5.84
C ILE B 114 10.42 -4.65 -4.75
N GLY B 115 9.45 -3.76 -4.60
CA GLY B 115 9.51 -2.75 -3.56
C GLY B 115 9.43 -3.34 -2.16
N LEU B 116 8.51 -4.30 -1.95
CA LEU B 116 8.40 -4.95 -0.62
C LEU B 116 9.72 -5.68 -0.31
N GLU B 117 10.34 -6.31 -1.33
CA GLU B 117 11.63 -6.96 -1.12
C GLU B 117 12.71 -5.92 -0.71
N PHE B 118 12.72 -4.78 -1.37
CA PHE B 118 13.69 -3.71 -1.08
C PHE B 118 13.55 -3.25 0.38
N ILE B 119 12.33 -3.16 0.90
CA ILE B 119 12.12 -2.79 2.30
C ILE B 119 12.77 -3.81 3.24
N ARG B 120 12.53 -5.10 2.99
CA ARG B 120 13.10 -6.14 3.85
C ARG B 120 14.62 -6.13 3.75
N LYS B 121 15.18 -5.98 2.53
CA LYS B 121 16.63 -5.96 2.36
C LYS B 121 17.23 -4.76 3.13
N SER B 122 16.56 -3.61 3.06
CA SER B 122 17.04 -2.40 3.75
C SER B 122 17.07 -2.61 5.25
N GLN B 123 16.07 -3.28 5.78
CA GLN B 123 15.96 -3.53 7.21
C GLN B 123 17.07 -4.46 7.69
N LEU B 124 17.34 -5.51 6.92
CA LEU B 124 18.37 -6.48 7.32
C LEU B 124 19.76 -5.84 7.35
N VAL B 125 20.02 -4.90 6.44
CA VAL B 125 21.31 -4.21 6.29
C VAL B 125 21.52 -3.20 7.40
N GLN B 126 20.45 -2.49 7.79
CA GLN B 126 20.56 -1.47 8.82
C GLN B 126 19.28 -1.41 9.66
N PRO B 127 19.13 -2.34 10.61
CA PRO B 127 17.90 -2.35 11.41
C PRO B 127 17.77 -1.11 12.26
N VAL B 128 16.53 -0.65 12.41
CA VAL B 128 16.18 0.47 13.28
C VAL B 128 15.02 -0.03 14.22
N GLY B 129 13.98 0.75 14.49
CA GLY B 129 12.90 0.33 15.36
C GLY B 129 11.83 -0.41 14.58
N PRO B 130 10.63 -0.48 15.17
CA PRO B 130 9.51 -1.12 14.45
C PRO B 130 9.22 -0.42 13.13
N LEU B 131 8.84 -1.22 12.13
CA LEU B 131 8.54 -0.70 10.82
C LEU B 131 7.05 -0.82 10.54
N VAL B 132 6.50 0.20 9.89
CA VAL B 132 5.11 0.21 9.40
C VAL B 132 5.23 0.48 7.90
N VAL B 133 4.61 -0.36 7.07
CA VAL B 133 4.59 -0.17 5.63
C VAL B 133 3.19 0.24 5.20
N LEU B 134 3.05 1.38 4.53
CA LEU B 134 1.79 1.89 4.02
C LEU B 134 1.69 1.61 2.51
N LEU B 135 0.62 0.86 2.12
CA LEU B 135 0.32 0.50 0.73
C LEU B 135 -1.01 1.14 0.32
N PRO B 136 -0.95 2.38 -0.17
CA PRO B 136 -2.19 3.12 -0.48
C PRO B 136 -2.63 2.85 -1.92
N LEU B 137 -2.73 1.57 -2.24
CA LEU B 137 -2.95 1.12 -3.60
C LEU B 137 -3.76 -0.17 -3.63
N ALA B 138 -4.31 -0.49 -4.78
CA ALA B 138 -5.09 -1.71 -4.92
C ALA B 138 -5.13 -2.16 -6.34
N GLY B 139 -5.17 -3.46 -6.51
CA GLY B 139 -5.40 -4.13 -7.76
C GLY B 139 -6.38 -5.28 -7.55
N GLY B 140 -6.55 -6.13 -8.55
CA GLY B 140 -7.40 -7.30 -8.39
C GLY B 140 -6.76 -8.28 -7.43
N TYR B 141 -7.53 -9.25 -6.91
CA TYR B 141 -6.99 -10.28 -6.01
C TYR B 141 -5.75 -10.94 -6.65
N SER B 142 -4.61 -10.95 -5.92
CA SER B 142 -3.37 -11.45 -6.42
C SER B 142 -2.81 -12.42 -5.41
N ARG B 143 -2.65 -13.69 -5.82
CA ARG B 143 -2.07 -14.69 -4.92
C ARG B 143 -0.64 -14.28 -4.52
N VAL B 144 0.14 -13.81 -5.49
CA VAL B 144 1.55 -13.48 -5.20
C VAL B 144 1.67 -12.22 -4.32
N LEU B 145 0.86 -11.18 -4.56
CA LEU B 145 0.97 -9.98 -3.73
C LEU B 145 0.54 -10.30 -2.30
N ASN B 146 -0.53 -11.11 -2.15
CA ASN B 146 -0.99 -11.49 -0.82
C ASN B 146 0.09 -12.30 -0.10
N ALA B 147 0.74 -13.22 -0.82
CA ALA B 147 1.79 -14.05 -0.22
C ALA B 147 2.96 -13.19 0.23
N ALA B 148 3.38 -12.22 -0.58
CA ALA B 148 4.51 -11.35 -0.24
C ALA B 148 4.20 -10.52 0.99
N CYS B 149 2.95 -10.04 1.09
CA CYS B 149 2.54 -9.27 2.26
C CYS B 149 2.52 -10.16 3.49
N GLN B 150 1.98 -11.39 3.34
CA GLN B 150 1.90 -12.33 4.46
C GLN B 150 3.29 -12.65 4.98
N ARG B 151 4.25 -12.84 4.07
CA ARG B 151 5.63 -13.17 4.48
C ARG B 151 6.32 -12.00 5.19
N LEU B 152 6.09 -10.76 4.72
CA LEU B 152 6.69 -9.59 5.36
C LEU B 152 6.04 -9.37 6.73
N ALA B 153 4.72 -9.61 6.86
CA ALA B 153 4.05 -9.50 8.16
C ALA B 153 4.59 -10.57 9.14
N ARG B 154 4.77 -11.80 8.65
CA ARG B 154 5.31 -12.88 9.49
C ARG B 154 6.74 -12.59 9.93
N ALA B 155 7.51 -11.84 9.13
CA ALA B 155 8.86 -11.45 9.48
C ALA B 155 8.92 -10.33 10.54
N GLY B 156 7.76 -9.82 10.96
CA GLY B 156 7.70 -8.82 12.01
C GLY B 156 7.39 -7.39 11.59
N VAL B 157 7.03 -7.18 10.32
CA VAL B 157 6.74 -5.85 9.82
C VAL B 157 5.22 -5.60 9.78
N VAL B 158 4.77 -4.40 10.20
CA VAL B 158 3.33 -4.10 10.19
C VAL B 158 2.95 -3.50 8.86
N LEU B 159 1.93 -4.06 8.17
CA LEU B 159 1.48 -3.56 6.88
C LEU B 159 0.09 -2.98 7.00
N VAL B 160 -0.14 -1.81 6.39
CA VAL B 160 -1.44 -1.12 6.41
C VAL B 160 -1.79 -0.80 4.98
N THR B 161 -3.02 -1.17 4.54
CA THR B 161 -3.38 -0.91 3.16
C THR B 161 -4.76 -0.28 3.03
N ALA B 162 -5.00 0.35 1.89
CA ALA B 162 -6.29 0.92 1.57
C ALA B 162 -7.28 -0.24 1.24
N ALA B 163 -8.53 -0.12 1.70
CA ALA B 163 -9.53 -1.14 1.35
C ALA B 163 -9.89 -1.13 -0.13
N GLY B 164 -9.72 0.02 -0.79
CA GLY B 164 -10.08 0.17 -2.19
C GLY B 164 -11.31 1.06 -2.31
N ASN B 165 -11.41 1.78 -3.43
CA ASN B 165 -12.45 2.80 -3.66
C ASN B 165 -13.49 2.32 -4.68
N PHE B 166 -13.83 1.05 -4.64
CA PHE B 166 -14.71 0.47 -5.64
C PHE B 166 -16.15 0.16 -5.17
N ARG B 167 -16.55 0.60 -3.95
CA ARG B 167 -17.88 0.33 -3.33
C ARG B 167 -18.23 -1.17 -3.51
N ASP B 168 -17.25 -2.01 -3.19
CA ASP B 168 -17.33 -3.44 -3.44
C ASP B 168 -16.68 -4.20 -2.26
N ASP B 169 -16.75 -5.52 -2.28
CA ASP B 169 -16.15 -6.38 -1.27
C ASP B 169 -14.63 -6.31 -1.40
N ALA B 170 -13.95 -5.87 -0.32
CA ALA B 170 -12.48 -5.74 -0.31
C ALA B 170 -11.77 -7.07 -0.53
N CYS B 171 -12.46 -8.21 -0.30
CA CYS B 171 -11.83 -9.51 -0.54
C CYS B 171 -11.50 -9.78 -2.01
N LEU B 172 -12.04 -8.98 -2.95
CA LEU B 172 -11.76 -9.18 -4.38
C LEU B 172 -10.58 -8.36 -4.87
N TYR B 173 -9.88 -7.65 -3.95
CA TYR B 173 -8.77 -6.79 -4.29
C TYR B 173 -7.54 -7.15 -3.46
N SER B 174 -6.36 -6.74 -3.93
CA SER B 174 -5.12 -6.97 -3.20
C SER B 174 -4.32 -5.67 -3.19
N PRO B 175 -3.55 -5.40 -2.14
CA PRO B 175 -3.38 -6.22 -0.92
C PRO B 175 -4.51 -6.20 0.09
N ALA B 176 -5.66 -5.52 -0.21
CA ALA B 176 -6.76 -5.46 0.76
C ALA B 176 -7.18 -6.82 1.34
N SER B 177 -7.20 -7.83 0.48
CA SER B 177 -7.65 -9.17 0.86
C SER B 177 -6.65 -9.99 1.68
N ALA B 178 -5.40 -9.52 1.85
CA ALA B 178 -4.42 -10.30 2.64
C ALA B 178 -4.78 -10.20 4.16
N PRO B 179 -5.18 -11.31 4.84
CA PRO B 179 -5.59 -11.21 6.26
C PRO B 179 -4.56 -10.63 7.24
N GLU B 180 -3.26 -10.83 6.96
CA GLU B 180 -2.17 -10.34 7.82
C GLU B 180 -1.95 -8.81 7.68
N VAL B 181 -2.56 -8.17 6.69
CA VAL B 181 -2.43 -6.73 6.48
C VAL B 181 -3.61 -6.02 7.15
N ILE B 182 -3.38 -4.87 7.76
CA ILE B 182 -4.48 -4.09 8.36
C ILE B 182 -5.12 -3.31 7.21
N THR B 183 -6.37 -3.65 6.89
CA THR B 183 -7.05 -3.07 5.73
C THR B 183 -8.06 -2.02 6.18
N VAL B 184 -7.96 -0.81 5.61
CA VAL B 184 -8.71 0.33 6.13
C VAL B 184 -9.69 0.93 5.16
N GLY B 185 -10.96 0.97 5.57
CA GLY B 185 -11.98 1.65 4.77
C GLY B 185 -12.08 3.13 5.16
N ALA B 186 -12.88 3.92 4.40
CA ALA B 186 -12.95 5.36 4.67
C ALA B 186 -14.29 5.81 5.15
N THR B 187 -14.29 6.66 6.18
CA THR B 187 -15.53 7.31 6.66
C THR B 187 -15.41 8.84 6.58
N ASN B 188 -16.56 9.53 6.57
CA ASN B 188 -16.55 10.99 6.45
C ASN B 188 -16.81 11.70 7.80
N ALA B 189 -17.00 13.04 7.78
CA ALA B 189 -17.25 13.82 9.00
C ALA B 189 -18.55 13.47 9.71
N GLN B 190 -19.48 12.84 9.01
CA GLN B 190 -20.71 12.37 9.64
C GLN B 190 -20.57 10.90 10.11
N ASP B 191 -19.33 10.34 10.11
CA ASP B 191 -18.93 8.97 10.43
C ASP B 191 -19.58 7.93 9.50
N GLN B 192 -19.96 8.36 8.28
CA GLN B 192 -20.59 7.49 7.30
C GLN B 192 -19.61 7.04 6.23
N PRO B 193 -19.85 5.89 5.57
CA PRO B 193 -18.88 5.43 4.56
C PRO B 193 -18.75 6.42 3.42
N VAL B 194 -17.53 6.67 2.93
CA VAL B 194 -17.29 7.69 1.92
C VAL B 194 -17.79 7.32 0.52
N THR B 195 -18.58 8.22 -0.10
CA THR B 195 -19.00 8.07 -1.50
C THR B 195 -17.96 8.82 -2.33
N LEU B 196 -17.51 8.22 -3.45
CA LEU B 196 -16.51 8.80 -4.33
C LEU B 196 -17.07 8.66 -5.75
N GLY B 197 -17.75 9.69 -6.24
CA GLY B 197 -18.42 9.65 -7.54
C GLY B 197 -19.56 8.67 -7.46
N THR B 198 -19.62 7.68 -8.38
CA THR B 198 -20.64 6.63 -8.26
C THR B 198 -20.16 5.45 -7.42
N LEU B 199 -18.88 5.44 -6.99
CA LEU B 199 -18.37 4.38 -6.16
C LEU B 199 -18.16 4.90 -4.71
N GLY B 200 -17.11 4.44 -4.03
CA GLY B 200 -16.87 4.81 -2.65
C GLY B 200 -16.04 3.76 -1.95
N THR B 201 -15.98 3.83 -0.61
CA THR B 201 -15.15 2.87 0.12
C THR B 201 -15.62 1.44 -0.08
N ASN B 202 -14.65 0.50 -0.12
CA ASN B 202 -14.94 -0.91 -0.07
C ASN B 202 -15.36 -1.28 1.36
N PHE B 203 -15.91 -2.48 1.49
CA PHE B 203 -16.46 -2.98 2.75
C PHE B 203 -16.29 -4.50 2.83
N GLY B 204 -16.92 -5.14 3.83
CA GLY B 204 -16.88 -6.58 3.94
C GLY B 204 -15.91 -7.13 4.98
N ARG B 205 -15.77 -8.46 5.01
CA ARG B 205 -15.00 -9.13 6.05
C ARG B 205 -13.51 -8.93 6.00
N CYS B 206 -12.96 -8.50 4.85
CA CYS B 206 -11.54 -8.25 4.73
C CYS B 206 -11.15 -6.86 5.25
N VAL B 207 -12.12 -5.98 5.57
CA VAL B 207 -11.81 -4.67 6.14
C VAL B 207 -11.67 -4.86 7.64
N ASP B 208 -10.62 -4.27 8.23
CA ASP B 208 -10.39 -4.38 9.66
C ASP B 208 -11.04 -3.23 10.44
N LEU B 209 -11.00 -2.03 9.86
CA LEU B 209 -11.61 -0.87 10.49
C LEU B 209 -11.69 0.28 9.50
N PHE B 210 -12.42 1.34 9.86
CA PHE B 210 -12.53 2.52 9.03
C PHE B 210 -11.78 3.67 9.67
N ALA B 211 -11.45 4.68 8.87
CA ALA B 211 -10.77 5.86 9.41
C ALA B 211 -11.14 7.07 8.55
N PRO B 212 -10.95 8.30 9.05
CA PRO B 212 -11.29 9.48 8.23
C PRO B 212 -10.67 9.46 6.81
N GLY B 213 -11.52 9.62 5.78
CA GLY B 213 -11.06 9.56 4.42
C GLY B 213 -11.79 10.44 3.44
N GLU B 214 -12.41 11.52 3.93
CA GLU B 214 -13.09 12.48 3.05
C GLU B 214 -12.66 13.89 3.45
N ASP B 215 -12.29 14.71 2.45
CA ASP B 215 -11.91 16.11 2.70
C ASP B 215 -10.81 16.22 3.75
N ILE B 216 -9.73 15.48 3.54
CA ILE B 216 -8.59 15.43 4.43
C ILE B 216 -7.56 16.47 4.02
N ILE B 217 -7.32 17.48 4.89
CA ILE B 217 -6.31 18.49 4.61
C ILE B 217 -4.94 17.87 4.66
N GLY B 218 -4.11 18.16 3.67
CA GLY B 218 -2.74 17.67 3.66
C GLY B 218 -1.90 18.43 2.67
N ALA B 219 -0.60 18.16 2.65
CA ALA B 219 0.34 18.81 1.76
C ALA B 219 -0.05 18.72 0.32
N SER B 220 0.00 19.85 -0.40
CA SER B 220 -0.25 19.90 -1.82
C SER B 220 1.05 20.16 -2.55
N SER B 221 1.35 19.33 -3.58
CA SER B 221 2.56 19.53 -4.36
C SER B 221 2.48 20.75 -5.31
N ASP B 222 1.40 21.56 -5.23
CA ASP B 222 1.32 22.75 -6.11
C ASP B 222 2.34 23.82 -5.72
N CYS B 223 2.73 23.87 -4.44
CA CYS B 223 3.73 24.83 -3.96
C CYS B 223 4.29 24.33 -2.62
N SER B 224 5.46 24.83 -2.22
CA SER B 224 6.11 24.32 -1.01
C SER B 224 5.37 24.55 0.31
N THR B 225 4.36 25.43 0.33
CA THR B 225 3.58 25.66 1.55
C THR B 225 2.08 25.43 1.33
N CYS B 226 1.68 24.88 0.16
CA CYS B 226 0.29 24.68 -0.19
C CYS B 226 -0.31 23.45 0.47
N PHE B 227 -1.61 23.52 0.75
CA PHE B 227 -2.41 22.45 1.33
C PHE B 227 -3.65 22.25 0.47
N VAL B 228 -4.14 21.00 0.42
CA VAL B 228 -5.33 20.67 -0.37
C VAL B 228 -6.05 19.53 0.33
N SER B 229 -7.37 19.45 0.12
CA SER B 229 -8.15 18.37 0.69
C SER B 229 -8.26 17.25 -0.34
N GLN B 230 -8.11 16.01 0.11
CA GLN B 230 -8.25 14.83 -0.73
C GLN B 230 -9.13 13.80 -0.02
N SER B 231 -9.69 12.87 -0.80
CA SER B 231 -10.55 11.82 -0.23
C SER B 231 -10.19 10.47 -0.84
N GLY B 232 -10.42 9.41 -0.06
CA GLY B 232 -10.17 8.06 -0.54
C GLY B 232 -9.70 7.12 0.55
N THR B 233 -9.70 5.81 0.25
CA THR B 233 -9.21 4.85 1.27
C THR B 233 -7.71 4.98 1.47
N SER B 234 -6.94 5.60 0.53
CA SER B 234 -5.52 5.84 0.78
C SER B 234 -5.36 6.79 1.98
N GLN B 235 -6.16 7.86 2.03
CA GLN B 235 -6.09 8.81 3.16
C GLN B 235 -6.49 8.14 4.45
N ALA B 236 -7.50 7.24 4.42
CA ALA B 236 -7.93 6.53 5.62
C ALA B 236 -6.79 5.62 6.10
N ALA B 237 -6.18 4.87 5.16
CA ALA B 237 -5.05 4.00 5.54
C ALA B 237 -3.90 4.81 6.13
N ALA B 238 -3.62 6.01 5.58
CA ALA B 238 -2.54 6.85 6.13
C ALA B 238 -2.83 7.24 7.59
N HIS B 239 -4.10 7.48 7.95
CA HIS B 239 -4.44 7.77 9.36
C HIS B 239 -4.09 6.57 10.25
N VAL B 240 -4.42 5.35 9.80
CA VAL B 240 -4.10 4.15 10.59
C VAL B 240 -2.61 3.90 10.65
N ALA B 241 -1.86 4.21 9.59
CA ALA B 241 -0.39 4.06 9.66
C ALA B 241 0.17 5.03 10.73
N GLY B 242 -0.40 6.24 10.81
CA GLY B 242 0.04 7.21 11.81
C GLY B 242 -0.36 6.78 13.21
N ILE B 243 -1.58 6.28 13.39
CA ILE B 243 -2.03 5.81 14.71
C ILE B 243 -1.17 4.61 15.14
N ALA B 244 -0.87 3.69 14.20
CA ALA B 244 -0.03 2.52 14.51
C ALA B 244 1.37 2.96 14.89
N ALA B 245 1.94 3.97 14.19
CA ALA B 245 3.27 4.46 14.54
C ALA B 245 3.25 5.02 15.98
N MET B 246 2.17 5.73 16.35
CA MET B 246 2.04 6.25 17.71
C MET B 246 1.88 5.15 18.75
N MET B 247 1.05 4.14 18.46
CA MET B 247 0.88 3.03 19.42
C MET B 247 2.18 2.22 19.58
N LEU B 248 2.88 1.96 18.47
CA LEU B 248 4.13 1.18 18.52
C LEU B 248 5.27 1.98 19.17
N SER B 249 5.25 3.30 19.06
CA SER B 249 6.29 4.11 19.67
C SER B 249 6.07 4.16 21.21
N ALA B 250 4.81 4.12 21.67
CA ALA B 250 4.50 4.11 23.12
C ALA B 250 4.71 2.72 23.72
N GLU B 251 4.45 1.65 22.93
CA GLU B 251 4.60 0.27 23.37
C GLU B 251 5.36 -0.51 22.29
N PRO B 252 6.69 -0.32 22.18
CA PRO B 252 7.44 -0.95 21.08
C PRO B 252 7.50 -2.47 21.07
N GLU B 253 7.18 -3.13 22.20
CA GLU B 253 7.22 -4.59 22.21
C GLU B 253 5.95 -5.25 21.67
N LEU B 254 4.93 -4.45 21.27
CA LEU B 254 3.68 -5.04 20.77
C LEU B 254 3.91 -5.96 19.57
N THR B 255 3.24 -7.12 19.54
CA THR B 255 3.28 -7.98 18.35
C THR B 255 2.18 -7.44 17.39
N LEU B 256 2.09 -7.98 16.17
CA LEU B 256 1.05 -7.57 15.23
C LEU B 256 -0.36 -7.86 15.81
N ALA B 257 -0.53 -9.04 16.43
CA ALA B 257 -1.83 -9.38 17.02
C ALA B 257 -2.26 -8.41 18.13
N GLU B 258 -1.28 -8.04 18.98
CA GLU B 258 -1.55 -7.09 20.07
C GLU B 258 -1.89 -5.70 19.52
N LEU B 259 -1.15 -5.26 18.49
CA LEU B 259 -1.42 -3.96 17.87
C LEU B 259 -2.82 -3.93 17.27
N ARG B 260 -3.22 -5.01 16.57
CA ARG B 260 -4.56 -5.08 15.99
C ARG B 260 -5.63 -5.00 17.07
N GLN B 261 -5.37 -5.65 18.22
CA GLN B 261 -6.29 -5.59 19.36
C GLN B 261 -6.40 -4.17 19.91
N ARG B 262 -5.28 -3.42 19.97
CA ARG B 262 -5.29 -2.03 20.46
C ARG B 262 -6.09 -1.15 19.50
N LEU B 263 -5.89 -1.31 18.18
CA LEU B 263 -6.62 -0.52 17.19
C LEU B 263 -8.14 -0.71 17.34
N ILE B 264 -8.57 -1.96 17.52
CA ILE B 264 -10.00 -2.24 17.70
C ILE B 264 -10.51 -1.68 19.03
N HIS B 265 -9.79 -1.92 20.12
CA HIS B 265 -10.18 -1.44 21.45
C HIS B 265 -10.35 0.07 21.53
N PHE B 266 -9.44 0.83 20.90
CA PHE B 266 -9.50 2.29 20.97
C PHE B 266 -10.40 2.93 19.90
N SER B 267 -10.91 2.15 18.94
CA SER B 267 -11.80 2.67 17.91
C SER B 267 -13.15 3.08 18.50
N ALA B 268 -13.83 4.03 17.84
CA ALA B 268 -15.20 4.41 18.17
C ALA B 268 -16.07 3.29 17.59
N LYS B 269 -17.04 2.80 18.37
CA LYS B 269 -17.86 1.68 17.95
C LYS B 269 -19.30 2.04 17.63
N ASP B 270 -19.86 1.34 16.63
CA ASP B 270 -21.25 1.48 16.21
C ASP B 270 -21.68 2.89 15.81
N VAL B 271 -20.76 3.69 15.21
CA VAL B 271 -21.14 5.03 14.76
C VAL B 271 -21.53 5.07 13.26
N ILE B 272 -21.19 4.01 12.50
CA ILE B 272 -21.52 3.96 11.08
C ILE B 272 -22.97 3.44 10.88
N ASN B 273 -23.78 4.06 9.97
CA ASN B 273 -25.14 3.53 9.70
C ASN B 273 -24.90 2.41 8.70
N GLU B 274 -25.15 1.18 9.13
CA GLU B 274 -24.90 0.02 8.29
C GLU B 274 -25.76 -0.05 7.02
N ALA B 275 -26.86 0.75 6.95
CA ALA B 275 -27.73 0.76 5.76
C ALA B 275 -27.02 1.14 4.46
N TRP B 276 -25.88 1.85 4.54
CA TRP B 276 -25.13 2.23 3.36
C TRP B 276 -24.53 1.01 2.64
N PHE B 277 -24.15 -0.03 3.41
CA PHE B 277 -23.57 -1.22 2.81
C PHE B 277 -24.67 -2.11 2.27
N PRO B 278 -24.37 -2.94 1.25
CA PRO B 278 -25.35 -3.95 0.81
C PRO B 278 -25.80 -4.84 1.99
N GLU B 279 -27.05 -5.28 1.97
CA GLU B 279 -27.66 -6.07 3.04
C GLU B 279 -26.79 -7.17 3.63
N ASP B 280 -26.25 -8.06 2.79
CA ASP B 280 -25.45 -9.20 3.29
C ASP B 280 -24.09 -8.80 3.86
N GLN B 281 -23.63 -7.58 3.57
CA GLN B 281 -22.33 -7.13 4.07
C GLN B 281 -22.38 -6.42 5.44
N ARG B 282 -23.59 -6.07 5.91
CA ARG B 282 -23.76 -5.34 7.17
C ARG B 282 -23.20 -6.09 8.38
N VAL B 283 -23.50 -7.39 8.55
CA VAL B 283 -22.95 -8.15 9.68
C VAL B 283 -21.47 -8.51 9.50
N LEU B 284 -20.95 -8.48 8.26
CA LEU B 284 -19.57 -8.84 8.00
C LEU B 284 -18.59 -7.65 8.09
N THR B 285 -19.10 -6.42 7.98
CA THR B 285 -18.27 -5.24 7.98
C THR B 285 -18.11 -4.69 9.41
N PRO B 286 -16.87 -4.53 9.88
CA PRO B 286 -16.65 -4.03 11.25
C PRO B 286 -17.12 -2.59 11.41
N ASN B 287 -17.92 -2.32 12.43
CA ASN B 287 -18.43 -0.97 12.67
C ASN B 287 -17.51 -0.29 13.64
N LEU B 288 -16.33 0.11 13.13
CA LEU B 288 -15.25 0.70 13.92
C LEU B 288 -14.62 1.87 13.18
N VAL B 289 -14.39 3.00 13.87
CA VAL B 289 -13.67 4.12 13.28
C VAL B 289 -12.46 4.38 14.17
N ALA B 290 -11.25 4.29 13.60
CA ALA B 290 -9.96 4.41 14.28
C ALA B 290 -9.83 5.67 15.12
N ALA B 291 -9.13 5.54 16.25
CA ALA B 291 -8.84 6.67 17.12
C ALA B 291 -7.56 6.39 17.90
N LEU B 292 -6.91 7.46 18.39
CA LEU B 292 -5.72 7.36 19.20
C LEU B 292 -6.10 6.93 20.62
N PRO B 293 -5.17 6.29 21.33
CA PRO B 293 -5.43 5.97 22.75
C PRO B 293 -5.33 7.24 23.60
N PRO B 294 -5.99 7.27 24.77
CA PRO B 294 -5.90 8.47 25.62
C PRO B 294 -4.57 8.58 26.35
N Z9J C 1 -5.34 25.80 9.15
CA Z9J C 1 -5.71 25.78 10.57
C2 Z9J C 1 -6.26 24.42 10.99
S1 Z9J C 1 -7.44 23.68 9.82
C3 Z9J C 1 -8.91 24.65 10.24
C4 Z9J C 1 -9.91 24.45 9.15
C5 Z9J C 1 -9.90 25.27 8.03
C6 Z9J C 1 -10.83 25.07 7.02
C7 Z9J C 1 -11.77 24.05 7.11
C8 Z9J C 1 -11.78 23.21 8.24
C9 Z9J C 1 -12.78 22.11 8.34
S2 Z9J C 1 -11.95 20.46 8.10
C10 Z9J C 1 -11.47 20.55 6.35
C11 Z9J C 1 -12.64 20.58 5.38
C Z9J C 1 -12.18 20.67 3.93
O Z9J C 1 -10.99 20.60 3.64
C13 Z9J C 1 -10.84 23.42 9.25
N LYS C 2 -13.13 20.81 3.02
CA LYS C 2 -12.84 20.85 1.59
C LYS C 2 -12.21 22.15 1.13
N DAL C 3 -11.17 22.07 0.28
CA DAL C 3 -10.60 23.26 -0.35
CB DAL C 3 -11.41 23.59 -1.59
C DAL C 3 -9.15 23.14 -0.69
O DAL C 3 -8.61 22.03 -0.90
N FTR C 4 -8.54 24.33 -0.84
CA FTR C 4 -7.16 24.51 -1.27
CB FTR C 4 -7.09 24.58 -2.80
CG FTR C 4 -5.71 24.70 -3.33
CD2 FTR C 4 -4.91 25.89 -3.45
CE2 FTR C 4 -3.67 25.52 -4.02
CE3 FTR C 4 -5.11 27.24 -3.11
CD1 FTR C 4 -4.95 23.68 -3.85
NE1 FTR C 4 -3.73 24.17 -4.27
CZ2 FTR C 4 -2.65 26.43 -4.27
CZ3 FTR C 4 -4.09 28.11 -3.36
F FTR C 4 -4.23 29.42 -2.99
CH2 FTR C 4 -2.85 27.75 -3.90
C FTR C 4 -6.67 25.80 -0.65
O FTR C 4 -7.41 26.80 -0.66
N FTR C 5 -5.43 25.80 -0.15
CA FTR C 5 -4.85 26.98 0.51
CB FTR C 5 -5.06 26.91 2.03
CG FTR C 5 -6.46 26.60 2.47
CD2 FTR C 5 -7.06 25.30 2.56
CE2 FTR C 5 -8.39 25.48 2.99
CE3 FTR C 5 -6.59 23.99 2.29
CD1 FTR C 5 -7.43 27.49 2.85
NE1 FTR C 5 -8.58 26.83 3.17
CZ2 FTR C 5 -9.26 24.41 3.20
CZ3 FTR C 5 -7.48 22.97 2.51
F FTR C 5 -7.05 21.71 2.25
CH2 FTR C 5 -8.79 23.14 2.93
C FTR C 5 -3.38 27.10 0.19
O FTR C 5 -2.71 26.08 -0.04
N ASP C 6 -2.84 28.35 0.18
CA ASP C 6 -1.40 28.51 -0.05
C ASP C 6 -0.56 28.49 1.25
N HIS C 7 -1.17 28.11 2.35
CA HIS C 7 -0.55 27.98 3.66
C HIS C 7 -1.45 27.04 4.48
N TYR C 8 -0.97 26.59 5.65
CA TYR C 8 -1.76 25.71 6.50
C TYR C 8 -3.04 26.44 6.96
CB 3WX C 9 -6.59 25.72 6.14
CA 3WX C 9 -5.53 26.59 6.83
CG 3WX C 9 -5.92 24.36 6.02
C 3WX C 9 -5.91 26.66 8.31
N 3WX C 9 -4.23 25.94 6.53
O 3WX C 9 -6.76 27.48 8.69
C39 3WX C 9 -5.57 27.98 6.21
CD 3WX C 9 -4.48 24.71 5.76
C1 GOL D . -6.16 -23.75 -13.95
O1 GOL D . -6.89 -22.70 -14.55
C2 GOL D . -4.72 -23.35 -13.78
O2 GOL D . -4.54 -22.65 -12.56
C3 GOL D . -3.82 -24.57 -13.80
O3 GOL D . -2.46 -24.17 -13.93
#